data_4XM5
#
_entry.id   4XM5
#
_cell.length_a   57.486
_cell.length_b   57.486
_cell.length_c   183.642
_cell.angle_alpha   90.00
_cell.angle_beta   90.00
_cell.angle_gamma   90.00
#
_symmetry.space_group_name_H-M   'P 43 21 2'
#
loop_
_entity.id
_entity.type
_entity.pdbx_description
1 polymer 'Structure-specific endonuclease subunit SLX1'
2 non-polymer 'ZINC ION'
3 non-polymer 'CHLORIDE ION'
4 water water
#
_entity_poly.entity_id   1
_entity_poly.type   'polypeptide(L)'
_entity_poly.pdbx_seq_one_letter_code
;MEEFQQIPDFYGCYLLQSISKRQSFYIGSTPNPVRRLRQHNGSLSRGGAYRTKRDGTRPWEMVAIVYGFPSRIAALQFQH
AWQHGYQTRYIKSQDRVVKTRKGGRSIHHKLAMITSLLKNEYFRYMDLTLHFFNQKVEEIWKNDKFNVSQTQESIDNNYT
VSLSQDALTEINNDTIDDIMDVNEKNMELVQNLYSTTLAEKTKTLLLYKEKIDTGINTCQFCNKIIKHNLSGNISENLFA
FCRDTSCTFVSHLACAYRYFMSNTELPKEDTIIPQSPKCPKCYTLLKWCDVIYYSIKLNKDNTTADDKKKTI
;
_entity_poly.pdbx_strand_id   A
#
# COMPACT_ATOMS: atom_id res chain seq x y z
N GLU A 2 -18.61 -13.90 3.97
CA GLU A 2 -18.67 -15.34 3.84
C GLU A 2 -17.29 -15.91 3.53
N GLU A 3 -17.27 -17.09 2.92
CA GLU A 3 -16.01 -17.72 2.54
C GLU A 3 -15.52 -17.22 1.18
N PHE A 4 -16.15 -16.18 0.66
CA PHE A 4 -15.72 -15.61 -0.62
C PHE A 4 -15.26 -14.15 -0.50
N GLN A 5 -15.04 -13.68 0.73
CA GLN A 5 -14.61 -12.30 0.92
C GLN A 5 -13.21 -12.16 0.35
N GLN A 6 -12.93 -11.04 -0.31
CA GLN A 6 -11.65 -10.88 -0.99
C GLN A 6 -10.77 -9.87 -0.28
N ILE A 7 -9.48 -9.93 -0.54
CA ILE A 7 -8.62 -8.80 -0.25
C ILE A 7 -9.04 -7.64 -1.15
N PRO A 8 -9.32 -6.46 -0.55
CA PRO A 8 -9.78 -5.30 -1.31
C PRO A 8 -8.89 -4.97 -2.51
N ASP A 9 -9.50 -4.63 -3.65
CA ASP A 9 -8.75 -4.16 -4.80
C ASP A 9 -7.80 -3.03 -4.38
N PHE A 10 -8.31 -2.10 -3.58
CA PHE A 10 -7.50 -1.03 -3.01
C PHE A 10 -8.01 -0.65 -1.61
N TYR A 11 -7.09 -0.57 -0.66
CA TYR A 11 -7.46 -0.07 0.65
C TYR A 11 -6.22 0.56 1.26
N GLY A 12 -6.29 1.86 1.53
CA GLY A 12 -5.14 2.60 1.99
C GLY A 12 -5.35 3.43 3.24
N CYS A 13 -4.24 3.72 3.92
CA CYS A 13 -4.22 4.64 5.06
CA CYS A 13 -4.26 4.65 5.04
C CYS A 13 -3.37 5.86 4.68
N TYR A 14 -3.97 7.04 4.70
CA TYR A 14 -3.32 8.23 4.18
C TYR A 14 -3.04 9.29 5.23
N LEU A 15 -2.06 10.13 4.90
CA LEU A 15 -1.74 11.31 5.67
C LEU A 15 -2.06 12.54 4.81
N LEU A 16 -2.82 13.47 5.40
CA LEU A 16 -3.10 14.71 4.73
C LEU A 16 -2.30 15.76 5.44
N GLN A 17 -1.82 16.73 4.67
CA GLN A 17 -1.20 17.89 5.22
C GLN A 17 -1.88 19.10 4.58
N SER A 18 -2.36 20.01 5.42
CA SER A 18 -2.99 21.21 4.90
C SER A 18 -1.97 22.00 4.07
N ILE A 19 -2.36 22.37 2.86
CA ILE A 19 -1.47 23.15 2.01
C ILE A 19 -1.09 24.50 2.65
N SER A 20 -2.06 25.28 3.12
CA SER A 20 -1.75 26.55 3.75
C SER A 20 -1.24 26.40 5.21
N LYS A 21 -1.90 25.54 6.00
CA LYS A 21 -1.49 25.30 7.39
C LYS A 21 -0.59 24.04 7.52
N ARG A 22 0.71 24.23 7.46
CA ARG A 22 1.63 23.12 7.23
C ARG A 22 1.79 22.22 8.44
N GLN A 23 1.33 22.69 9.59
CA GLN A 23 1.44 21.90 10.79
C GLN A 23 0.13 21.21 11.11
N SER A 24 -0.85 21.29 10.21
CA SER A 24 -2.11 20.57 10.40
C SER A 24 -2.10 19.27 9.60
N PHE A 25 -2.39 18.18 10.28
CA PHE A 25 -2.43 16.88 9.64
C PHE A 25 -3.74 16.18 9.89
N TYR A 26 -4.00 15.18 9.06
CA TYR A 26 -5.16 14.33 9.20
C TYR A 26 -4.78 12.93 8.70
N ILE A 27 -5.20 11.93 9.46
CA ILE A 27 -4.96 10.54 9.15
C ILE A 27 -6.30 9.82 9.02
N GLY A 28 -6.46 9.07 7.94
CA GLY A 28 -7.74 8.48 7.60
C GLY A 28 -7.49 7.24 6.79
N SER A 29 -8.54 6.50 6.42
CA SER A 29 -8.36 5.34 5.55
C SER A 29 -9.57 5.13 4.69
N THR A 30 -9.40 4.47 3.54
CA THR A 30 -10.43 4.50 2.51
C THR A 30 -10.09 3.52 1.40
N PRO A 31 -11.13 2.96 0.73
CA PRO A 31 -10.90 2.13 -0.46
C PRO A 31 -10.83 2.96 -1.75
N ASN A 32 -11.05 4.27 -1.64
CA ASN A 32 -11.03 5.21 -2.78
C ASN A 32 -10.50 6.58 -2.34
N PRO A 33 -9.18 6.76 -2.41
CA PRO A 33 -8.53 8.02 -1.97
C PRO A 33 -8.98 9.24 -2.77
N VAL A 34 -9.33 9.04 -4.03
CA VAL A 34 -9.72 10.14 -4.92
C VAL A 34 -10.99 10.77 -4.42
N ARG A 35 -12.02 9.93 -4.28
CA ARG A 35 -13.31 10.33 -3.74
C ARG A 35 -13.18 10.91 -2.32
N ARG A 36 -12.38 10.27 -1.49
CA ARG A 36 -12.22 10.71 -0.10
C ARG A 36 -11.53 12.09 -0.01
N LEU A 37 -10.47 12.28 -0.79
CA LEU A 37 -9.80 13.58 -0.82
C LEU A 37 -10.74 14.69 -1.31
N ARG A 38 -11.62 14.37 -2.26
CA ARG A 38 -12.60 15.33 -2.75
C ARG A 38 -13.60 15.72 -1.65
N GLN A 39 -14.05 14.74 -0.86
CA GLN A 39 -14.93 15.00 0.29
C GLN A 39 -14.22 15.85 1.32
N HIS A 40 -12.99 15.47 1.65
CA HIS A 40 -12.18 16.26 2.56
C HIS A 40 -12.07 17.73 2.13
N ASN A 41 -12.00 17.99 0.83
CA ASN A 41 -11.79 19.36 0.38
C ASN A 41 -13.11 20.05 0.05
N GLY A 42 -14.14 19.28 -0.27
CA GLY A 42 -15.46 19.83 -0.50
C GLY A 42 -15.33 20.88 -1.56
N SER A 43 -15.92 22.05 -1.34
CA SER A 43 -15.69 23.21 -2.21
C SER A 43 -15.07 24.37 -1.42
N LEU A 44 -14.05 25.00 -2.00
CA LEU A 44 -13.42 26.15 -1.35
C LEU A 44 -14.30 27.41 -1.38
N SER A 45 -15.43 27.34 -2.09
CA SER A 45 -16.36 28.47 -2.21
C SER A 45 -17.57 28.39 -1.26
N ARG A 46 -17.86 27.20 -0.72
CA ARG A 46 -18.95 27.03 0.25
C ARG A 46 -18.40 26.86 1.66
N ARG A 54 -14.15 30.33 6.77
CA ARG A 54 -13.07 29.52 6.21
C ARG A 54 -11.73 29.88 6.84
N ASP A 55 -11.02 28.89 7.35
CA ASP A 55 -9.80 29.16 8.11
C ASP A 55 -8.52 28.77 7.36
N GLY A 56 -8.68 28.09 6.22
CA GLY A 56 -7.55 27.86 5.33
C GLY A 56 -6.90 26.52 5.54
N THR A 57 -7.49 25.72 6.42
CA THR A 57 -7.09 24.33 6.59
C THR A 57 -7.25 23.63 5.27
N ARG A 58 -8.41 23.80 4.65
CA ARG A 58 -8.65 23.33 3.28
C ARG A 58 -8.04 24.32 2.27
N PRO A 59 -7.45 23.81 1.18
CA PRO A 59 -7.38 22.41 0.79
C PRO A 59 -6.25 21.64 1.42
N TRP A 60 -6.46 20.33 1.53
CA TRP A 60 -5.45 19.40 2.01
C TRP A 60 -4.65 18.85 0.86
N GLU A 61 -3.37 18.61 1.09
CA GLU A 61 -2.56 17.78 0.19
C GLU A 61 -2.49 16.35 0.77
N MET A 62 -2.86 15.34 -0.02
CA MET A 62 -2.55 13.98 0.41
C MET A 62 -1.08 13.71 0.12
N VAL A 63 -0.27 13.61 1.18
CA VAL A 63 1.16 13.55 0.95
C VAL A 63 1.72 12.13 0.87
N ALA A 64 0.99 11.16 1.41
CA ALA A 64 1.45 9.78 1.45
C ALA A 64 0.30 8.85 1.71
N ILE A 65 0.40 7.65 1.16
CA ILE A 65 -0.59 6.64 1.45
C ILE A 65 0.09 5.28 1.57
N VAL A 66 -0.36 4.52 2.56
CA VAL A 66 0.05 3.13 2.75
C VAL A 66 -1.09 2.28 2.26
N TYR A 67 -0.84 1.35 1.34
CA TYR A 67 -1.91 0.49 0.87
C TYR A 67 -1.46 -0.96 0.69
N GLY A 68 -2.39 -1.81 0.24
CA GLY A 68 -2.14 -3.25 0.19
C GLY A 68 -2.73 -4.06 1.36
N PHE A 69 -3.60 -3.45 2.16
CA PHE A 69 -4.12 -4.09 3.38
C PHE A 69 -5.01 -5.32 3.07
N PRO A 70 -4.91 -6.40 3.88
CA PRO A 70 -5.69 -7.60 3.51
C PRO A 70 -7.20 -7.39 3.66
N SER A 71 -7.59 -6.31 4.34
CA SER A 71 -9.01 -6.02 4.62
C SER A 71 -9.15 -4.62 5.18
N ARG A 72 -10.39 -4.15 5.23
CA ARG A 72 -10.76 -2.95 5.97
C ARG A 72 -10.29 -2.99 7.43
N ILE A 73 -10.44 -4.12 8.11
CA ILE A 73 -10.15 -4.17 9.53
C ILE A 73 -8.68 -3.86 9.81
N ALA A 74 -7.80 -4.50 9.05
CA ALA A 74 -6.39 -4.27 9.25
C ALA A 74 -6.00 -2.80 8.89
N ALA A 75 -6.64 -2.20 7.89
CA ALA A 75 -6.40 -0.77 7.60
C ALA A 75 -6.86 0.13 8.75
N LEU A 76 -8.03 -0.17 9.30
CA LEU A 76 -8.53 0.54 10.47
C LEU A 76 -7.53 0.52 11.63
N GLN A 77 -6.96 -0.64 11.91
CA GLN A 77 -6.02 -0.71 13.01
C GLN A 77 -4.68 -0.02 12.76
N PHE A 78 -4.22 -0.02 11.50
CA PHE A 78 -3.04 0.75 11.09
C PHE A 78 -3.36 2.21 11.38
N GLN A 79 -4.53 2.65 10.92
CA GLN A 79 -5.03 3.99 11.19
C GLN A 79 -5.06 4.36 12.69
N HIS A 80 -5.71 3.52 13.49
CA HIS A 80 -5.75 3.76 14.91
C HIS A 80 -4.34 3.93 15.47
N ALA A 81 -3.45 2.99 15.13
CA ALA A 81 -2.12 3.01 15.71
C ALA A 81 -1.36 4.26 15.22
N TRP A 82 -1.53 4.60 13.96
CA TRP A 82 -0.86 5.75 13.37
C TRP A 82 -1.27 7.00 14.16
N GLN A 83 -2.57 7.16 14.35
CA GLN A 83 -3.13 8.30 15.05
C GLN A 83 -2.75 8.40 16.51
N HIS A 84 -2.75 7.27 17.23
CA HIS A 84 -2.62 7.26 18.70
C HIS A 84 -1.69 6.18 19.26
N GLY A 85 -0.94 5.51 18.39
CA GLY A 85 -0.01 4.48 18.83
C GLY A 85 1.34 5.03 19.21
N TYR A 86 2.18 4.13 19.73
CA TYR A 86 3.49 4.51 20.25
C TYR A 86 4.59 4.26 19.23
N GLN A 87 5.61 5.12 19.24
CA GLN A 87 6.80 4.89 18.44
C GLN A 87 7.66 3.79 19.07
N THR A 88 8.59 3.25 18.28
CA THR A 88 9.56 2.27 18.74
C THR A 88 10.97 2.61 18.23
N ARG A 89 11.97 1.81 18.62
CA ARG A 89 13.33 1.99 18.13
C ARG A 89 14.13 0.71 18.28
N TYR A 90 14.90 0.34 17.26
CA TYR A 90 15.71 -0.86 17.31
C TYR A 90 17.09 -0.58 17.87
N VAL A 98 12.01 -1.98 21.33
CA VAL A 98 11.53 -1.30 22.53
C VAL A 98 10.59 -0.16 22.20
N LYS A 99 9.75 0.24 23.16
CA LYS A 99 8.80 1.35 22.96
C LYS A 99 9.34 2.67 23.50
N THR A 100 8.94 3.77 22.87
CA THR A 100 9.37 5.12 23.25
C THR A 100 8.19 6.09 23.37
N ARG A 101 8.40 7.34 22.98
CA ARG A 101 7.37 8.36 23.12
C ARG A 101 6.20 8.20 22.15
N LYS A 102 5.01 8.58 22.61
CA LYS A 102 3.81 8.60 21.78
C LYS A 102 4.03 9.52 20.58
N GLY A 103 3.34 9.23 19.48
CA GLY A 103 3.42 10.04 18.28
C GLY A 103 3.16 11.51 18.57
N GLY A 104 4.05 12.37 18.10
CA GLY A 104 3.98 13.79 18.37
C GLY A 104 3.27 14.58 17.29
N ARG A 105 3.53 15.89 17.25
CA ARG A 105 2.76 16.78 16.39
C ARG A 105 3.42 17.04 15.02
N SER A 106 4.76 17.07 14.98
CA SER A 106 5.46 17.44 13.75
C SER A 106 5.34 16.43 12.63
N ILE A 107 5.68 16.87 11.42
CA ILE A 107 5.80 15.99 10.27
C ILE A 107 6.77 14.83 10.57
N HIS A 108 7.83 15.13 11.32
CA HIS A 108 8.80 14.12 11.72
C HIS A 108 8.16 13.01 12.53
N HIS A 109 7.29 13.39 13.46
CA HIS A 109 6.63 12.40 14.30
C HIS A 109 5.61 11.58 13.54
N LYS A 110 4.83 12.24 12.68
CA LYS A 110 3.84 11.57 11.86
C LYS A 110 4.50 10.51 10.99
N LEU A 111 5.71 10.83 10.48
CA LEU A 111 6.41 9.96 9.52
C LEU A 111 7.22 8.90 10.28
N ALA A 112 7.66 9.22 11.49
CA ALA A 112 8.26 8.21 12.36
C ALA A 112 7.27 7.05 12.64
N MET A 113 6.00 7.36 12.89
CA MET A 113 4.99 6.33 13.15
C MET A 113 4.84 5.35 11.99
N ILE A 114 4.91 5.86 10.76
CA ILE A 114 4.89 4.98 9.59
C ILE A 114 6.02 3.96 9.68
N THR A 115 7.25 4.43 9.87
CA THR A 115 8.42 3.57 9.97
C THR A 115 8.28 2.56 11.09
N SER A 116 7.77 3.02 12.22
CA SER A 116 7.48 2.19 13.37
C SER A 116 6.57 1.03 12.97
N LEU A 117 5.42 1.36 12.37
CA LEU A 117 4.40 0.36 12.01
C LEU A 117 4.88 -0.61 10.93
N LEU A 118 5.55 -0.10 9.90
CA LEU A 118 5.96 -0.93 8.78
C LEU A 118 7.19 -1.78 9.09
N LYS A 119 8.16 -1.21 9.79
CA LYS A 119 9.46 -1.86 9.91
C LYS A 119 9.58 -2.63 11.21
N ASN A 120 8.95 -2.13 12.27
CA ASN A 120 9.11 -2.74 13.59
C ASN A 120 7.89 -3.49 14.11
N GLU A 121 6.79 -3.43 13.37
CA GLU A 121 5.52 -4.01 13.82
C GLU A 121 5.03 -5.13 12.94
N TYR A 122 4.08 -5.91 13.46
CA TYR A 122 3.55 -7.06 12.71
C TYR A 122 3.10 -6.71 11.28
N PHE A 123 2.73 -5.45 11.07
CA PHE A 123 2.38 -4.98 9.73
C PHE A 123 3.48 -5.29 8.73
N ARG A 124 4.70 -5.51 9.23
CA ARG A 124 5.87 -5.73 8.38
C ARG A 124 5.67 -6.91 7.47
N TYR A 125 4.75 -7.77 7.85
CA TYR A 125 4.61 -9.02 7.15
C TYR A 125 3.55 -8.93 6.05
N MET A 126 2.81 -7.84 6.01
CA MET A 126 1.73 -7.72 5.05
C MET A 126 2.08 -7.25 3.60
N ASP A 127 3.36 -7.14 3.25
CA ASP A 127 3.76 -6.63 1.92
C ASP A 127 3.06 -5.33 1.55
N LEU A 128 3.11 -4.36 2.44
CA LEU A 128 2.41 -3.12 2.21
C LEU A 128 3.19 -2.24 1.24
N THR A 129 2.52 -1.27 0.64
CA THR A 129 3.25 -0.28 -0.12
C THR A 129 3.06 1.08 0.53
N LEU A 130 4.18 1.76 0.75
CA LEU A 130 4.17 3.13 1.18
C LEU A 130 4.38 4.03 -0.04
N HIS A 131 3.39 4.84 -0.38
CA HIS A 131 3.55 5.71 -1.55
C HIS A 131 3.59 7.20 -1.21
N PHE A 132 4.63 7.88 -1.66
CA PHE A 132 4.65 9.34 -1.51
C PHE A 132 4.23 10.10 -2.77
N PHE A 133 3.35 11.08 -2.57
CA PHE A 133 2.95 12.04 -3.61
C PHE A 133 3.77 13.33 -3.54
N ASN A 134 4.51 13.46 -2.45
CA ASN A 134 5.33 14.64 -2.23
C ASN A 134 6.71 14.19 -1.92
N GLN A 135 7.68 14.73 -2.66
CA GLN A 135 9.04 14.27 -2.61
C GLN A 135 9.71 14.78 -1.34
N LYS A 136 9.32 15.97 -0.90
CA LYS A 136 9.90 16.54 0.30
C LYS A 136 9.43 15.73 1.49
N VAL A 137 8.19 15.26 1.46
CA VAL A 137 7.69 14.42 2.53
C VAL A 137 8.41 13.07 2.45
N GLU A 138 8.77 12.60 1.26
CA GLU A 138 9.46 11.31 1.13
C GLU A 138 10.83 11.38 1.79
N GLU A 139 11.50 12.50 1.56
CA GLU A 139 12.86 12.67 2.05
C GLU A 139 12.91 12.90 3.57
N ILE A 140 11.91 13.60 4.12
CA ILE A 140 11.82 13.73 5.57
C ILE A 140 11.57 12.34 6.22
N TRP A 141 10.78 11.53 5.54
CA TRP A 141 10.56 10.15 5.99
C TRP A 141 11.85 9.33 5.90
N LYS A 142 12.53 9.37 4.74
CA LYS A 142 13.79 8.64 4.54
C LYS A 142 14.80 9.13 5.56
N ASN A 143 14.67 10.39 5.95
CA ASN A 143 15.54 10.95 6.94
C ASN A 143 15.57 10.18 8.25
N ASP A 144 14.39 9.79 8.76
CA ASP A 144 14.26 9.08 10.03
C ASP A 144 14.98 9.78 11.16
N LYS A 145 14.61 11.03 11.38
CA LYS A 145 15.20 11.90 12.40
C LYS A 145 15.39 11.23 13.77
N PHE A 146 14.44 10.39 14.18
CA PHE A 146 14.47 9.81 15.52
C PHE A 146 15.09 8.41 15.53
N ASN A 147 15.58 7.98 14.38
CA ASN A 147 16.24 6.69 14.21
C ASN A 147 15.37 5.52 14.62
N VAL A 148 14.18 5.47 14.05
CA VAL A 148 13.29 4.36 14.29
C VAL A 148 13.95 3.07 13.82
N SER A 149 14.56 3.07 12.65
CA SER A 149 15.22 1.86 12.16
C SER A 149 16.60 2.08 11.57
N GLN A 150 17.49 1.10 11.79
CA GLN A 150 18.82 1.10 11.20
C GLN A 150 18.75 0.86 9.69
N ASN A 157 12.02 -3.83 2.60
CA ASN A 157 12.35 -4.81 3.62
C ASN A 157 11.58 -4.60 4.92
N ASN A 158 10.36 -5.15 5.00
CA ASN A 158 9.75 -5.78 3.84
C ASN A 158 8.42 -5.14 3.46
N TYR A 159 8.56 -4.02 2.77
CA TYR A 159 7.43 -3.29 2.22
C TYR A 159 7.98 -2.68 0.94
N THR A 160 7.15 -1.96 0.22
CA THR A 160 7.61 -1.26 -0.95
C THR A 160 7.51 0.20 -0.64
N VAL A 161 8.46 0.98 -1.12
CA VAL A 161 8.35 2.43 -1.10
C VAL A 161 8.41 2.94 -2.54
N SER A 162 7.37 3.68 -2.91
CA SER A 162 7.30 4.29 -4.22
C SER A 162 7.04 5.79 -4.08
N LEU A 163 7.43 6.52 -5.11
CA LEU A 163 7.25 7.98 -5.20
C LEU A 163 6.61 8.28 -6.54
N SER A 164 5.56 9.09 -6.52
CA SER A 164 4.87 9.51 -7.74
C SER A 164 5.82 10.12 -8.77
N GLN A 165 5.71 9.67 -10.02
CA GLN A 165 6.32 10.42 -11.13
C GLN A 165 5.73 11.82 -11.07
N ASP A 166 6.57 12.83 -11.22
CA ASP A 166 6.12 14.22 -11.14
C ASP A 166 5.56 14.59 -9.77
N ALA A 167 6.13 14.02 -8.71
CA ALA A 167 5.76 14.40 -7.37
C ALA A 167 6.10 15.85 -7.09
N LEU A 168 5.33 16.45 -6.20
CA LEU A 168 5.58 17.82 -5.77
C LEU A 168 6.82 17.86 -4.88
N THR A 169 7.59 18.92 -5.05
CA THR A 169 8.76 19.17 -4.22
C THR A 169 8.41 20.16 -3.11
N GLU A 170 9.30 21.12 -2.85
CA GLU A 170 9.07 22.08 -1.77
C GLU A 170 7.92 23.02 -2.07
N ILE A 171 6.77 22.72 -1.49
CA ILE A 171 5.50 23.42 -1.70
C ILE A 171 5.55 24.94 -1.51
N ASN A 172 5.02 25.67 -2.49
CA ASN A 172 4.74 27.10 -2.30
C ASN A 172 3.28 27.27 -1.87
N ASN A 173 3.04 28.12 -0.88
CA ASN A 173 1.68 28.40 -0.42
C ASN A 173 1.54 29.87 -0.06
N ASP A 174 2.44 30.68 -0.61
CA ASP A 174 2.43 32.11 -0.34
C ASP A 174 1.22 32.80 -0.96
N THR A 175 0.66 32.21 -2.01
CA THR A 175 -0.44 32.83 -2.73
C THR A 175 -1.57 31.87 -3.07
N ILE A 176 -2.72 32.45 -3.39
CA ILE A 176 -3.90 31.73 -3.82
C ILE A 176 -3.60 30.79 -5.00
N ASP A 177 -2.99 31.32 -6.07
CA ASP A 177 -2.56 30.50 -7.20
C ASP A 177 -1.62 29.36 -6.84
N ASP A 178 -0.64 29.63 -5.97
CA ASP A 178 0.21 28.58 -5.41
C ASP A 178 -0.60 27.49 -4.79
N ILE A 179 -1.48 27.88 -3.87
CA ILE A 179 -2.28 26.93 -3.14
C ILE A 179 -3.21 26.15 -4.06
N MET A 180 -3.87 26.82 -5.00
CA MET A 180 -4.73 26.08 -5.90
C MET A 180 -3.93 25.21 -6.84
N ASP A 181 -2.69 25.57 -7.11
CA ASP A 181 -1.86 24.76 -7.99
C ASP A 181 -1.46 23.42 -7.32
N VAL A 182 -0.98 23.47 -6.08
CA VAL A 182 -0.68 22.30 -5.29
C VAL A 182 -1.89 21.34 -5.22
N ASN A 183 -3.04 21.86 -4.80
CA ASN A 183 -4.28 21.11 -4.73
C ASN A 183 -4.51 20.36 -6.02
N GLU A 184 -4.42 21.11 -7.11
CA GLU A 184 -4.71 20.60 -8.44
C GLU A 184 -3.76 19.47 -8.87
N LYS A 185 -2.45 19.70 -8.68
CA LYS A 185 -1.47 18.71 -9.07
C LYS A 185 -1.58 17.48 -8.17
N ASN A 186 -1.82 17.69 -6.89
CA ASN A 186 -1.96 16.60 -5.93
C ASN A 186 -3.14 15.67 -6.30
N MET A 187 -4.24 16.24 -6.76
CA MET A 187 -5.39 15.44 -7.21
C MET A 187 -4.97 14.50 -8.33
N GLU A 188 -4.44 15.08 -9.39
CA GLU A 188 -3.91 14.35 -10.52
C GLU A 188 -3.00 13.22 -10.05
N LEU A 189 -2.10 13.52 -9.11
CA LEU A 189 -1.15 12.52 -8.61
C LEU A 189 -1.85 11.38 -7.86
N VAL A 190 -2.84 11.69 -7.04
CA VAL A 190 -3.57 10.65 -6.34
C VAL A 190 -4.40 9.82 -7.33
N GLN A 191 -4.99 10.50 -8.30
CA GLN A 191 -5.75 9.81 -9.34
C GLN A 191 -4.88 8.85 -10.15
N ASN A 192 -3.66 9.27 -10.45
CA ASN A 192 -2.80 8.42 -11.26
C ASN A 192 -2.41 7.13 -10.55
N LEU A 193 -2.18 7.19 -9.23
CA LEU A 193 -1.78 6.01 -8.48
C LEU A 193 -2.96 5.05 -8.36
N TYR A 194 -4.13 5.60 -8.03
CA TYR A 194 -5.35 4.80 -7.89
C TYR A 194 -5.75 4.08 -9.17
N SER A 195 -5.76 4.80 -10.29
CA SER A 195 -6.24 4.22 -11.54
C SER A 195 -5.26 3.21 -12.12
N THR A 196 -3.98 3.47 -11.94
CA THR A 196 -2.94 2.59 -12.45
C THR A 196 -2.93 1.26 -11.69
N THR A 197 -3.06 1.36 -10.38
CA THR A 197 -3.14 0.20 -9.49
C THR A 197 -4.29 -0.74 -9.85
N LEU A 198 -5.50 -0.19 -9.90
CA LEU A 198 -6.65 -0.95 -10.36
C LEU A 198 -6.43 -1.53 -11.78
N ALA A 199 -5.98 -0.69 -12.72
CA ALA A 199 -5.76 -1.15 -14.09
C ALA A 199 -4.69 -2.26 -14.11
N GLU A 200 -3.62 -2.08 -13.36
CA GLU A 200 -2.58 -3.11 -13.31
C GLU A 200 -3.12 -4.40 -12.72
N LYS A 201 -3.98 -4.28 -11.71
CA LYS A 201 -4.60 -5.46 -11.11
C LYS A 201 -5.54 -6.15 -12.11
N THR A 202 -6.37 -5.37 -12.78
CA THR A 202 -7.24 -5.88 -13.85
C THR A 202 -6.51 -6.64 -14.95
N LYS A 203 -5.48 -6.01 -15.52
CA LYS A 203 -4.65 -6.68 -16.51
C LYS A 203 -4.08 -8.00 -16.00
N THR A 204 -3.50 -7.98 -14.79
CA THR A 204 -2.85 -9.17 -14.26
C THR A 204 -3.89 -10.27 -14.05
N LEU A 205 -5.05 -9.93 -13.45
CA LEU A 205 -6.16 -10.88 -13.30
C LEU A 205 -6.61 -11.53 -14.59
N LEU A 206 -6.95 -10.71 -15.57
CA LEU A 206 -7.45 -11.18 -16.86
C LEU A 206 -6.48 -12.19 -17.49
N LEU A 207 -5.19 -11.95 -17.36
CA LEU A 207 -4.18 -12.87 -17.90
C LEU A 207 -4.05 -14.15 -17.06
N TYR A 208 -4.33 -14.09 -15.75
CA TYR A 208 -4.33 -15.33 -14.96
C TYR A 208 -5.57 -16.17 -15.33
N LYS A 209 -6.71 -15.52 -15.54
CA LYS A 209 -7.93 -16.21 -15.95
C LYS A 209 -7.71 -16.91 -17.29
N GLU A 210 -7.04 -16.20 -18.20
CA GLU A 210 -6.74 -16.75 -19.52
C GLU A 210 -5.92 -18.03 -19.38
N LYS A 211 -4.96 -17.99 -18.46
CA LYS A 211 -4.10 -19.14 -18.16
C LYS A 211 -4.89 -20.36 -17.65
N ILE A 212 -5.93 -20.10 -16.86
CA ILE A 212 -6.72 -21.18 -16.28
C ILE A 212 -7.71 -21.76 -17.29
N ASP A 213 -8.43 -20.87 -17.96
CA ASP A 213 -9.41 -21.25 -18.97
C ASP A 213 -8.83 -22.04 -20.14
N THR A 214 -7.53 -21.88 -20.38
CA THR A 214 -6.85 -22.48 -21.53
C THR A 214 -6.18 -23.80 -21.20
N GLY A 215 -5.11 -23.72 -20.43
CA GLY A 215 -4.30 -24.88 -20.13
C GLY A 215 -4.91 -25.75 -19.05
N ILE A 216 -4.57 -27.02 -19.06
CA ILE A 216 -4.93 -27.94 -17.99
C ILE A 216 -3.68 -28.21 -17.15
N ASN A 217 -3.12 -27.14 -16.59
CA ASN A 217 -1.83 -27.20 -15.92
C ASN A 217 -1.87 -27.89 -14.56
N THR A 218 -0.79 -28.60 -14.28
CA THR A 218 -0.63 -29.25 -12.98
C THR A 218 0.18 -28.35 -12.07
N CYS A 219 0.06 -28.58 -10.76
CA CYS A 219 0.86 -27.82 -9.82
C CYS A 219 2.33 -28.15 -10.02
N GLN A 220 3.18 -27.13 -9.93
CA GLN A 220 4.63 -27.29 -10.08
C GLN A 220 5.21 -28.22 -9.02
N PHE A 221 4.57 -28.26 -7.86
CA PHE A 221 5.10 -28.97 -6.71
C PHE A 221 4.50 -30.37 -6.54
N CYS A 222 3.18 -30.46 -6.39
CA CYS A 222 2.54 -31.73 -6.10
C CYS A 222 2.14 -32.53 -7.33
N ASN A 223 2.21 -31.88 -8.50
CA ASN A 223 1.93 -32.52 -9.78
C ASN A 223 0.50 -33.02 -9.96
N LYS A 224 -0.44 -32.56 -9.15
CA LYS A 224 -1.84 -32.95 -9.31
C LYS A 224 -2.64 -31.86 -10.02
N ILE A 225 -3.45 -32.27 -10.99
CA ILE A 225 -4.20 -31.34 -11.84
C ILE A 225 -5.28 -30.58 -11.07
N ILE A 226 -5.03 -29.30 -10.80
CA ILE A 226 -5.89 -28.48 -9.93
C ILE A 226 -7.15 -27.99 -10.65
N ASN A 237 -10.32 -24.65 -3.91
CA ASN A 237 -9.30 -24.82 -4.95
C ASN A 237 -8.64 -23.48 -5.27
N LEU A 238 -7.51 -23.20 -4.63
CA LEU A 238 -6.82 -21.92 -4.76
C LEU A 238 -5.46 -21.99 -5.50
N PHE A 239 -5.24 -21.04 -6.41
CA PHE A 239 -4.06 -20.99 -7.30
C PHE A 239 -2.96 -20.00 -6.86
N ALA A 240 -1.72 -20.28 -7.24
CA ALA A 240 -0.63 -19.29 -7.12
C ALA A 240 0.12 -19.13 -8.44
N PHE A 241 0.27 -17.88 -8.88
CA PHE A 241 1.02 -17.53 -10.08
C PHE A 241 2.20 -16.60 -9.74
N CYS A 242 3.14 -16.48 -10.67
CA CYS A 242 4.20 -15.46 -10.59
C CYS A 242 3.64 -14.06 -10.88
N ARG A 243 4.30 -13.03 -10.36
CA ARG A 243 3.99 -11.63 -10.71
C ARG A 243 4.19 -11.43 -12.20
N ASP A 244 5.28 -12.00 -12.70
CA ASP A 244 5.63 -11.95 -14.13
C ASP A 244 4.60 -12.73 -14.92
N THR A 245 3.64 -12.02 -15.49
CA THR A 245 2.48 -12.68 -16.08
C THR A 245 2.79 -13.49 -17.33
N SER A 246 4.01 -13.39 -17.84
CA SER A 246 4.38 -14.24 -18.96
C SER A 246 5.14 -15.46 -18.46
N CYS A 247 5.39 -15.52 -17.16
CA CYS A 247 6.07 -16.67 -16.60
C CYS A 247 5.15 -17.85 -16.40
N THR A 248 5.72 -19.04 -16.44
CA THR A 248 4.94 -20.25 -16.55
C THR A 248 4.67 -20.93 -15.20
N PHE A 249 5.18 -20.36 -14.12
CA PHE A 249 4.97 -20.90 -12.78
C PHE A 249 3.49 -20.91 -12.35
N VAL A 250 2.93 -22.08 -12.11
CA VAL A 250 1.59 -22.20 -11.52
C VAL A 250 1.58 -23.30 -10.46
N SER A 251 0.80 -23.12 -9.40
CA SER A 251 0.70 -24.13 -8.35
C SER A 251 -0.51 -23.92 -7.44
N HIS A 252 -0.83 -24.95 -6.65
CA HIS A 252 -1.79 -24.80 -5.55
C HIS A 252 -1.28 -23.71 -4.62
N LEU A 253 -2.17 -22.87 -4.10
CA LEU A 253 -1.74 -21.82 -3.17
C LEU A 253 -1.03 -22.42 -1.95
N ALA A 254 -1.59 -23.49 -1.38
CA ALA A 254 -1.00 -24.08 -0.18
C ALA A 254 0.34 -24.75 -0.49
N CYS A 255 0.49 -25.29 -1.69
CA CYS A 255 1.77 -25.85 -2.10
C CYS A 255 2.87 -24.81 -2.23
N ALA A 256 2.50 -23.67 -2.81
CA ALA A 256 3.46 -22.59 -2.99
C ALA A 256 3.95 -22.15 -1.64
N TYR A 257 3.01 -21.98 -0.72
CA TYR A 257 3.35 -21.53 0.63
C TYR A 257 4.34 -22.48 1.28
N ARG A 258 4.11 -23.78 1.09
CA ARG A 258 4.94 -24.80 1.66
C ARG A 258 6.35 -24.72 1.07
N TYR A 259 6.42 -24.62 -0.26
CA TYR A 259 7.71 -24.48 -0.89
C TYR A 259 8.39 -23.22 -0.38
N PHE A 260 7.68 -22.10 -0.43
CA PHE A 260 8.24 -20.83 0.01
C PHE A 260 8.74 -20.84 1.45
N MET A 261 8.08 -21.60 2.32
CA MET A 261 8.49 -21.67 3.73
C MET A 261 9.66 -22.62 3.89
N SER A 262 9.99 -23.36 2.85
CA SER A 262 11.11 -24.31 2.89
C SER A 262 12.42 -23.69 2.44
N ASN A 263 12.41 -23.01 1.30
CA ASN A 263 13.63 -22.46 0.72
C ASN A 263 13.47 -21.00 0.27
N GLU A 269 14.84 -16.22 8.95
CA GLU A 269 14.12 -15.54 10.02
C GLU A 269 12.63 -15.93 10.04
N ASP A 270 12.05 -16.05 8.84
CA ASP A 270 10.60 -16.20 8.69
C ASP A 270 10.09 -17.52 9.28
N THR A 271 9.02 -17.43 10.06
CA THR A 271 8.46 -18.59 10.72
C THR A 271 7.10 -18.96 10.15
N ILE A 272 6.33 -17.96 9.73
CA ILE A 272 4.97 -18.25 9.28
C ILE A 272 4.53 -17.50 8.02
N ILE A 273 5.31 -16.50 7.60
CA ILE A 273 5.06 -15.86 6.31
C ILE A 273 6.35 -15.76 5.52
N PRO A 274 6.35 -16.23 4.26
CA PRO A 274 7.53 -16.12 3.40
C PRO A 274 7.80 -14.67 3.03
N GLN A 275 8.87 -14.09 3.57
CA GLN A 275 9.11 -12.67 3.41
C GLN A 275 9.84 -12.32 2.11
N SER A 276 10.69 -13.21 1.60
CA SER A 276 11.32 -12.95 0.30
C SER A 276 11.11 -14.08 -0.72
N PRO A 277 9.83 -14.45 -0.99
CA PRO A 277 9.56 -15.60 -1.85
C PRO A 277 10.01 -15.39 -3.27
N LYS A 278 11.10 -16.04 -3.67
CA LYS A 278 11.53 -15.97 -5.05
C LYS A 278 10.78 -17.02 -5.86
N CYS A 279 10.33 -16.67 -7.05
CA CYS A 279 9.64 -17.64 -7.88
C CYS A 279 10.62 -18.74 -8.24
N PRO A 280 10.16 -20.00 -8.19
CA PRO A 280 11.07 -21.10 -8.53
C PRO A 280 11.41 -21.19 -10.03
N LYS A 281 10.77 -20.37 -10.86
CA LYS A 281 10.99 -20.46 -12.30
C LYS A 281 11.87 -19.32 -12.84
N CYS A 282 11.78 -18.15 -12.24
CA CYS A 282 12.46 -16.96 -12.74
C CYS A 282 13.28 -16.25 -11.65
N TYR A 283 13.04 -16.64 -10.40
CA TYR A 283 13.64 -16.06 -9.19
C TYR A 283 13.28 -14.59 -8.97
N THR A 284 12.22 -14.09 -9.60
CA THR A 284 11.80 -12.72 -9.29
C THR A 284 11.21 -12.70 -7.88
N LEU A 285 11.58 -11.69 -7.11
CA LEU A 285 11.08 -11.52 -5.77
C LEU A 285 9.57 -11.27 -5.81
N LEU A 286 8.80 -12.17 -5.22
CA LEU A 286 7.35 -12.05 -5.15
C LEU A 286 6.87 -11.38 -3.87
N LYS A 287 5.69 -10.78 -3.92
CA LYS A 287 4.97 -10.43 -2.69
C LYS A 287 3.91 -11.49 -2.38
N TRP A 288 4.04 -12.13 -1.23
CA TRP A 288 3.11 -13.19 -0.87
C TRP A 288 1.64 -12.71 -0.74
N CYS A 289 1.44 -11.47 -0.31
CA CYS A 289 0.08 -10.96 -0.11
C CYS A 289 -0.56 -10.67 -1.46
N ASP A 290 0.25 -10.17 -2.39
CA ASP A 290 -0.14 -10.04 -3.79
C ASP A 290 -0.60 -11.36 -4.39
N VAL A 291 0.22 -12.40 -4.22
CA VAL A 291 -0.15 -13.73 -4.70
C VAL A 291 -1.47 -14.20 -4.09
N ILE A 292 -1.65 -13.98 -2.78
CA ILE A 292 -2.93 -14.30 -2.17
C ILE A 292 -4.07 -13.45 -2.75
N TYR A 293 -3.84 -12.15 -2.93
CA TYR A 293 -4.88 -11.30 -3.51
C TYR A 293 -5.45 -11.90 -4.81
N TYR A 294 -4.57 -12.25 -5.76
CA TYR A 294 -5.09 -12.74 -7.04
C TYR A 294 -5.65 -14.13 -6.85
N SER A 295 -5.07 -14.90 -5.94
CA SER A 295 -5.56 -16.24 -5.68
C SER A 295 -6.99 -16.16 -5.23
N ILE A 296 -7.23 -15.32 -4.24
CA ILE A 296 -8.54 -15.21 -3.62
C ILE A 296 -9.52 -14.62 -4.62
N LYS A 297 -9.07 -13.58 -5.31
CA LYS A 297 -9.91 -12.87 -6.26
C LYS A 297 -10.30 -13.78 -7.43
N LEU A 298 -9.34 -14.51 -7.99
CA LEU A 298 -9.63 -15.40 -9.11
C LEU A 298 -10.63 -16.46 -8.69
N ASN A 299 -10.50 -16.92 -7.46
CA ASN A 299 -11.43 -17.89 -6.94
C ASN A 299 -12.81 -17.29 -6.77
N LYS A 300 -12.86 -16.09 -6.20
CA LYS A 300 -14.11 -15.37 -5.95
C LYS A 300 -14.87 -15.04 -7.23
N ASP A 301 -14.17 -14.46 -8.20
CA ASP A 301 -14.82 -13.98 -9.41
C ASP A 301 -15.49 -15.11 -10.18
N ASN A 302 -14.85 -16.28 -10.21
CA ASN A 302 -15.41 -17.46 -10.88
C ASN A 302 -16.81 -17.81 -10.39
N THR A 303 -16.93 -18.08 -9.09
CA THR A 303 -18.22 -18.38 -8.48
C THR A 303 -19.14 -17.16 -8.49
#